data_2IQT
#
_entry.id   2IQT
#
_cell.length_a   68.737
_cell.length_b   68.737
_cell.length_c   154.113
_cell.angle_alpha   90.00
_cell.angle_beta   90.00
_cell.angle_gamma   120.00
#
_symmetry.space_group_name_H-M   'P 31 2 1'
#
loop_
_entity.id
_entity.type
_entity.pdbx_description
1 polymer 'Fructose-bisphosphate aldolase class 1'
2 water water
#
_entity_poly.entity_id   1
_entity_poly.type   'polypeptide(L)'
_entity_poly.pdbx_seq_one_letter_code
;SNA(MSE)NKEQLQQ(MSE)RQAPGFVGALDQSGGSTPKALKAYGIQPDAYQSEEE(MSE)FDLIHQ(MSE)RTR(MSE)
ITSPAFATGKIIGVILFERT(MSE)RGKIEG(MSE)PTADFLWEKRHIVPFLKVDKGLQDEANGVQL(MSE)KPFPELGK
LCEEAVGYHVFGTK(MSE)RSVIKQANEQGIRDIVEQQFQWGKEILSHGLVPILEPEVDIHCPEKAKAEEILKRELLAQL
DK(MSE)TEPV(MSE)LKITIPTVDNFYKEIIEHP(MSE)(MSE)LRVVALSGGYSREQANELLSRNHGVIASFSRALVE
GLSARQTDAEFNA(MSE)LEASIEDVYQASIK
;
_entity_poly.pdbx_strand_id   A
#
# COMPACT_ATOMS: atom_id res chain seq x y z
N ASN A 2 -5.60 18.45 11.92
CA ASN A 2 -5.77 18.55 13.40
C ASN A 2 -6.89 17.64 13.93
N ALA A 3 -8.13 17.96 13.54
CA ALA A 3 -9.28 17.15 13.90
C ALA A 3 -9.52 16.09 12.84
N MSE A 4 -9.13 16.38 11.58
CA MSE A 4 -8.92 15.35 10.51
C MSE A 4 -7.94 14.31 10.99
O MSE A 4 -8.31 13.21 11.34
CB MSE A 4 -8.32 15.95 9.23
CG MSE A 4 -9.23 16.77 8.33
SE MSE A 4 -8.19 17.22 6.73
CE MSE A 4 -9.58 18.21 5.74
N ASN A 5 -6.67 14.71 11.00
CA ASN A 5 -5.57 13.98 11.65
C ASN A 5 -6.03 13.00 12.74
N LYS A 6 -6.68 13.50 13.79
CA LYS A 6 -7.17 12.67 14.90
C LYS A 6 -8.31 11.72 14.51
N GLU A 7 -9.23 12.17 13.66
CA GLU A 7 -10.28 11.30 13.10
C GLU A 7 -9.70 10.27 12.12
N GLN A 8 -8.69 10.67 11.35
CA GLN A 8 -7.99 9.78 10.46
C GLN A 8 -7.17 8.77 11.28
N LEU A 9 -6.62 9.20 12.42
CA LEU A 9 -5.76 8.31 13.19
C LEU A 9 -6.65 7.22 13.73
N GLN A 10 -7.77 7.64 14.31
CA GLN A 10 -8.82 6.74 14.78
C GLN A 10 -9.29 5.72 13.75
N GLN A 11 -9.57 6.18 12.53
N GLN A 11 -9.50 6.17 12.51
CA GLN A 11 -9.96 5.28 11.45
CA GLN A 11 -9.96 5.30 11.41
C GLN A 11 -8.87 4.25 11.28
C GLN A 11 -8.90 4.29 11.00
N MSE A 12 -7.65 4.71 11.03
CA MSE A 12 -6.53 3.84 10.75
C MSE A 12 -6.24 2.84 11.86
O MSE A 12 -5.89 1.70 11.56
CB MSE A 12 -5.31 4.66 10.37
CG MSE A 12 -5.55 5.35 9.04
SE MSE A 12 -6.32 4.10 7.77
CE MSE A 12 -6.58 5.16 6.27
N ARG A 13 -6.42 3.25 13.11
CA ARG A 13 -6.26 2.33 14.22
C ARG A 13 -7.44 1.36 14.46
N GLN A 14 -8.67 1.88 14.43
N GLN A 14 -8.69 1.83 14.41
CA GLN A 14 -9.85 1.15 14.88
CA GLN A 14 -9.81 1.01 14.88
C GLN A 14 -10.68 0.54 13.75
C GLN A 14 -10.94 0.70 13.87
N ALA A 15 -10.95 1.33 12.71
CA ALA A 15 -11.94 0.97 11.70
C ALA A 15 -11.71 -0.40 11.02
N PRO A 16 -12.74 -1.26 10.92
CA PRO A 16 -12.56 -2.45 10.10
C PRO A 16 -12.61 -2.14 8.59
N GLY A 17 -11.87 -2.90 7.78
CA GLY A 17 -11.77 -2.61 6.36
C GLY A 17 -10.33 -2.69 5.90
N PHE A 18 -10.01 -2.12 4.74
CA PHE A 18 -8.69 -2.33 4.19
C PHE A 18 -8.26 -1.14 3.34
N VAL A 19 -7.03 -1.19 2.85
CA VAL A 19 -6.50 -0.06 2.12
C VAL A 19 -6.34 -0.48 0.67
N GLY A 20 -6.77 0.36 -0.25
CA GLY A 20 -6.49 0.12 -1.67
C GLY A 20 -5.19 0.79 -2.13
N ALA A 21 -4.31 0.02 -2.74
CA ALA A 21 -3.01 0.56 -3.17
C ALA A 21 -3.13 0.97 -4.64
N LEU A 22 -2.99 2.26 -4.92
CA LEU A 22 -3.13 2.82 -6.25
C LEU A 22 -1.81 3.51 -6.69
N ASP A 23 -0.72 3.10 -6.03
CA ASP A 23 0.48 3.86 -6.00
C ASP A 23 1.52 3.39 -7.03
N GLN A 24 1.08 2.85 -8.16
CA GLN A 24 2.03 2.43 -9.20
C GLN A 24 2.79 3.59 -9.78
N SER A 25 4.13 3.55 -9.71
CA SER A 25 5.02 4.49 -10.41
C SER A 25 4.86 4.38 -11.94
N GLY A 26 5.50 5.29 -12.66
CA GLY A 26 5.49 5.28 -14.13
C GLY A 26 5.99 3.94 -14.65
N GLY A 27 7.01 3.40 -14.03
CA GLY A 27 7.58 2.16 -14.51
C GLY A 27 6.64 0.97 -14.37
N SER A 28 5.69 1.05 -13.47
CA SER A 28 4.73 -0.02 -13.26
C SER A 28 3.34 0.27 -13.87
N THR A 29 3.18 1.41 -14.55
CA THR A 29 1.85 1.71 -15.06
C THR A 29 1.44 0.99 -16.35
N PRO A 30 2.39 0.71 -17.26
CA PRO A 30 1.99 -0.09 -18.46
C PRO A 30 1.37 -1.44 -18.10
N LYS A 31 1.95 -2.11 -17.10
CA LYS A 31 1.47 -3.42 -16.63
C LYS A 31 0.05 -3.33 -16.07
N ALA A 32 -0.24 -2.24 -15.33
CA ALA A 32 -1.56 -2.05 -14.75
C ALA A 32 -2.60 -1.69 -15.82
N LEU A 33 -2.18 -0.86 -16.77
CA LEU A 33 -3.01 -0.47 -17.91
C LEU A 33 -3.39 -1.71 -18.78
N LYS A 34 -2.39 -2.50 -19.19
CA LYS A 34 -2.61 -3.73 -19.96
C LYS A 34 -3.60 -4.66 -19.27
N ALA A 35 -3.46 -4.81 -17.96
CA ALA A 35 -4.36 -5.67 -17.17
C ALA A 35 -5.79 -5.10 -17.13
N TYR A 36 -5.89 -3.77 -17.35
CA TYR A 36 -7.18 -3.08 -17.52
C TYR A 36 -7.63 -3.08 -19.02
N GLY A 37 -6.91 -3.79 -19.88
CA GLY A 37 -7.29 -3.89 -21.29
C GLY A 37 -6.75 -2.75 -22.15
N ILE A 38 -5.83 -1.97 -21.58
CA ILE A 38 -5.20 -0.91 -22.34
C ILE A 38 -3.75 -1.31 -22.70
N GLN A 39 -3.58 -1.77 -23.94
CA GLN A 39 -2.31 -2.31 -24.40
C GLN A 39 -1.32 -1.17 -24.64
N PRO A 40 0.00 -1.42 -24.43
CA PRO A 40 1.06 -0.39 -24.61
C PRO A 40 0.86 0.32 -25.94
N ASP A 41 0.40 -0.46 -26.92
N ASP A 41 0.58 -0.51 -26.95
CA ASP A 41 0.20 -0.02 -28.29
CA ASP A 41 -0.03 -0.20 -28.25
C ASP A 41 -0.86 1.09 -28.44
C ASP A 41 -0.78 1.12 -28.37
N ALA A 42 -1.57 1.43 -27.34
CA ALA A 42 -2.68 2.39 -27.42
C ALA A 42 -2.38 3.83 -27.04
N TYR A 43 -1.15 4.07 -26.62
CA TYR A 43 -0.67 5.40 -26.25
C TYR A 43 0.78 5.38 -26.65
N GLN A 44 1.37 6.56 -26.92
CA GLN A 44 2.81 6.58 -27.27
C GLN A 44 3.58 7.76 -26.73
N SER A 45 2.99 8.45 -25.77
CA SER A 45 3.76 9.34 -24.93
C SER A 45 3.49 8.99 -23.47
N GLU A 46 4.40 9.44 -22.62
CA GLU A 46 4.30 9.27 -21.20
C GLU A 46 3.12 10.05 -20.61
N GLU A 47 2.83 11.22 -21.18
N GLU A 47 2.83 11.20 -21.20
N GLU A 47 2.80 11.21 -21.17
CA GLU A 47 1.70 12.07 -20.76
CA GLU A 47 1.74 12.09 -20.79
CA GLU A 47 1.70 12.02 -20.66
C GLU A 47 0.37 11.37 -21.02
C GLU A 47 0.38 11.44 -21.04
C GLU A 47 0.32 11.47 -21.06
N GLU A 48 0.25 10.79 -22.21
CA GLU A 48 -0.95 10.04 -22.59
C GLU A 48 -1.12 8.82 -21.68
N MSE A 49 -0.02 8.11 -21.41
CA MSE A 49 -0.04 6.98 -20.48
C MSE A 49 -0.58 7.37 -19.09
O MSE A 49 -1.43 6.69 -18.54
CB MSE A 49 1.35 6.36 -20.34
CG MSE A 49 1.43 5.13 -19.48
SE MSE A 49 3.26 4.64 -18.99
CE MSE A 49 3.55 6.08 -17.70
N PHE A 50 -0.08 8.49 -18.58
CA PHE A 50 -0.41 8.96 -17.25
C PHE A 50 -1.83 9.47 -17.13
N ASP A 51 -2.34 10.05 -18.21
CA ASP A 51 -3.76 10.41 -18.29
C ASP A 51 -4.59 9.15 -18.21
N LEU A 52 -4.19 8.16 -18.99
CA LEU A 52 -4.92 6.92 -19.11
C LEU A 52 -5.05 6.21 -17.74
N ILE A 53 -3.94 6.08 -17.00
CA ILE A 53 -4.03 5.51 -15.66
C ILE A 53 -4.76 6.48 -14.72
N HIS A 54 -4.74 7.78 -14.99
CA HIS A 54 -5.48 8.69 -14.12
C HIS A 54 -6.99 8.59 -14.32
N GLN A 55 -7.42 8.32 -15.55
CA GLN A 55 -8.83 8.09 -15.81
C GLN A 55 -9.29 6.83 -15.08
N MSE A 56 -8.48 5.77 -15.15
CA MSE A 56 -8.76 4.53 -14.43
C MSE A 56 -8.98 4.77 -12.94
O MSE A 56 -10.03 4.45 -12.39
CB MSE A 56 -7.62 3.51 -14.61
CG MSE A 56 -7.75 2.28 -13.67
SE MSE A 56 -6.54 0.87 -14.10
CE MSE A 56 -5.12 1.16 -12.79
N ARG A 57 -7.97 5.32 -12.30
CA ARG A 57 -8.10 5.62 -10.88
C ARG A 57 -9.29 6.54 -10.55
N THR A 58 -9.57 7.53 -11.40
CA THR A 58 -10.74 8.40 -11.23
C THR A 58 -12.00 7.58 -11.32
N ARG A 59 -12.04 6.65 -12.27
CA ARG A 59 -13.19 5.80 -12.47
C ARG A 59 -13.39 4.90 -11.26
N MSE A 60 -12.31 4.42 -10.66
CA MSE A 60 -12.40 3.66 -9.40
C MSE A 60 -12.89 4.56 -8.26
O MSE A 60 -13.84 4.23 -7.58
CB MSE A 60 -11.04 3.05 -9.02
CG MSE A 60 -10.57 1.90 -9.93
SE MSE A 60 -8.66 1.56 -9.58
CE MSE A 60 -8.71 0.99 -7.75
N ILE A 61 -12.24 5.71 -8.07
CA ILE A 61 -12.48 6.53 -6.90
C ILE A 61 -13.87 7.15 -6.91
N THR A 62 -14.37 7.50 -8.09
CA THR A 62 -15.70 8.10 -8.22
C THR A 62 -16.80 7.06 -8.24
N SER A 63 -16.43 5.80 -8.42
CA SER A 63 -17.42 4.74 -8.43
C SER A 63 -18.11 4.55 -7.07
N PRO A 64 -19.43 4.24 -7.08
CA PRO A 64 -20.17 3.94 -5.84
C PRO A 64 -19.52 2.86 -4.98
N ALA A 65 -18.71 2.01 -5.60
CA ALA A 65 -18.11 0.95 -4.85
C ALA A 65 -17.09 1.53 -3.86
N PHE A 66 -16.46 2.63 -4.23
CA PHE A 66 -15.51 3.30 -3.35
C PHE A 66 -16.17 4.15 -2.26
N ALA A 67 -17.50 4.10 -2.17
CA ALA A 67 -18.20 4.89 -1.15
C ALA A 67 -18.74 4.01 -0.03
N THR A 68 -18.07 2.91 0.26
CA THR A 68 -18.60 1.88 1.13
C THR A 68 -18.12 1.88 2.56
N GLY A 69 -17.00 2.53 2.85
CA GLY A 69 -16.41 2.41 4.19
C GLY A 69 -15.66 1.10 4.47
N LYS A 70 -15.66 0.20 3.49
CA LYS A 70 -14.91 -1.05 3.59
C LYS A 70 -13.44 -0.80 3.30
N ILE A 71 -13.21 0.20 2.44
CA ILE A 71 -11.87 0.74 2.18
C ILE A 71 -11.62 1.92 3.10
N ILE A 72 -10.67 1.78 4.02
CA ILE A 72 -10.43 2.83 4.99
C ILE A 72 -9.24 3.74 4.63
N GLY A 73 -8.32 3.25 3.81
CA GLY A 73 -7.21 4.06 3.34
C GLY A 73 -6.88 3.81 1.88
N VAL A 74 -6.29 4.80 1.24
CA VAL A 74 -5.85 4.63 -0.13
C VAL A 74 -4.42 5.18 -0.30
N ILE A 75 -3.57 4.43 -1.00
CA ILE A 75 -2.20 4.84 -1.21
C ILE A 75 -2.07 5.41 -2.60
N LEU A 76 -1.45 6.59 -2.73
CA LEU A 76 -1.38 7.33 -3.99
C LEU A 76 0.03 7.39 -4.54
N PHE A 77 0.14 7.36 -5.88
CA PHE A 77 1.35 7.76 -6.57
C PHE A 77 1.46 9.29 -6.51
N GLU A 78 2.69 9.81 -6.44
CA GLU A 78 2.88 11.26 -6.32
C GLU A 78 2.16 12.05 -7.41
N ARG A 79 2.13 11.56 -8.65
CA ARG A 79 1.46 12.32 -9.71
C ARG A 79 -0.04 12.46 -9.44
N THR A 80 -0.65 11.39 -8.95
CA THR A 80 -2.05 11.42 -8.59
C THR A 80 -2.38 12.41 -7.49
N MSE A 81 -1.50 12.57 -6.52
CA MSE A 81 -1.68 13.54 -5.48
C MSE A 81 -1.70 14.96 -6.06
O MSE A 81 -2.36 15.87 -5.53
CB MSE A 81 -0.56 13.40 -4.46
CG MSE A 81 -0.65 14.34 -3.31
SE MSE A 81 0.95 14.22 -2.23
CE MSE A 81 2.32 14.73 -3.53
N ARG A 82 -0.97 15.15 -7.14
CA ARG A 82 -0.90 16.48 -7.78
C ARG A 82 -2.02 16.68 -8.79
N GLY A 83 -2.81 15.63 -8.98
CA GLY A 83 -3.94 15.66 -9.89
C GLY A 83 -5.25 15.91 -9.17
N LYS A 84 -6.34 15.85 -9.91
CA LYS A 84 -7.64 16.16 -9.35
C LYS A 84 -8.64 15.05 -9.65
N ILE A 85 -9.64 14.99 -8.81
CA ILE A 85 -10.80 14.17 -9.03
C ILE A 85 -12.02 15.06 -8.88
N GLU A 86 -12.78 15.16 -9.97
CA GLU A 86 -13.93 16.02 -10.03
C GLU A 86 -13.55 17.44 -9.55
N GLY A 87 -12.45 17.93 -10.12
CA GLY A 87 -11.98 19.30 -9.91
C GLY A 87 -11.47 19.58 -8.52
N MSE A 88 -11.12 18.54 -7.80
CA MSE A 88 -10.70 18.62 -6.42
C MSE A 88 -9.44 17.76 -6.25
O MSE A 88 -9.43 16.63 -6.74
CB MSE A 88 -11.85 18.12 -5.56
CG MSE A 88 -11.55 18.02 -4.10
SE MSE A 88 -13.20 17.78 -3.04
CE MSE A 88 -12.29 18.10 -1.39
N PRO A 89 -8.39 18.31 -5.60
CA PRO A 89 -7.17 17.54 -5.28
C PRO A 89 -7.49 16.14 -4.73
N THR A 90 -6.82 15.13 -5.27
CA THR A 90 -7.15 13.73 -5.06
C THR A 90 -7.25 13.37 -3.58
N ALA A 91 -6.25 13.75 -2.79
CA ALA A 91 -6.25 13.42 -1.36
C ALA A 91 -7.45 14.04 -0.64
N ASP A 92 -7.73 15.30 -0.96
CA ASP A 92 -8.90 15.97 -0.41
C ASP A 92 -10.23 15.28 -0.79
N PHE A 93 -10.33 14.81 -2.03
CA PHE A 93 -11.52 14.10 -2.44
C PHE A 93 -11.64 12.78 -1.70
N LEU A 94 -10.50 12.08 -1.56
CA LEU A 94 -10.51 10.83 -0.82
C LEU A 94 -11.12 11.05 0.57
N TRP A 95 -10.64 12.07 1.28
CA TRP A 95 -11.16 12.31 2.65
C TRP A 95 -12.49 13.04 2.76
N GLU A 96 -12.64 14.15 2.07
CA GLU A 96 -13.87 14.98 2.20
C GLU A 96 -15.11 14.38 1.59
N LYS A 97 -14.96 13.64 0.49
CA LYS A 97 -16.09 13.13 -0.27
C LYS A 97 -16.28 11.63 -0.17
N ARG A 98 -15.32 10.92 0.43
CA ARG A 98 -15.35 9.47 0.48
C ARG A 98 -14.94 8.91 1.84
N HIS A 99 -14.55 9.77 2.76
CA HIS A 99 -14.12 9.31 4.09
C HIS A 99 -13.02 8.23 4.08
N ILE A 100 -12.13 8.32 3.09
CA ILE A 100 -10.96 7.46 2.94
C ILE A 100 -9.68 8.24 3.30
N VAL A 101 -8.89 7.68 4.19
CA VAL A 101 -7.63 8.27 4.57
C VAL A 101 -6.60 8.16 3.45
N PRO A 102 -6.06 9.30 3.00
CA PRO A 102 -5.09 9.28 1.91
C PRO A 102 -3.64 9.03 2.38
N PHE A 103 -2.92 8.16 1.67
CA PHE A 103 -1.44 7.99 1.85
C PHE A 103 -0.70 8.26 0.53
N LEU A 104 0.61 8.50 0.62
CA LEU A 104 1.45 8.64 -0.57
C LEU A 104 2.66 7.67 -0.53
N LYS A 105 2.94 6.97 -1.63
N LYS A 105 2.94 6.98 -1.62
CA LYS A 105 4.19 6.20 -1.79
CA LYS A 105 4.17 6.18 -1.69
C LYS A 105 5.34 7.19 -1.87
C LYS A 105 5.36 7.11 -1.90
N VAL A 106 6.34 7.03 -1.00
CA VAL A 106 7.44 7.99 -0.97
C VAL A 106 8.80 7.44 -1.40
N ASP A 107 8.86 6.20 -1.87
CA ASP A 107 10.11 5.62 -2.30
C ASP A 107 10.36 5.87 -3.77
N LYS A 108 11.63 5.80 -4.15
CA LYS A 108 12.07 6.06 -5.51
C LYS A 108 12.59 4.78 -6.19
N GLY A 109 12.23 3.62 -5.66
CA GLY A 109 12.64 2.35 -6.26
C GLY A 109 13.71 1.63 -5.45
N LEU A 110 14.28 0.59 -6.05
CA LEU A 110 15.18 -0.36 -5.38
C LEU A 110 16.61 -0.33 -5.87
N GLN A 111 17.51 -0.73 -4.99
CA GLN A 111 18.89 -0.92 -5.36
C GLN A 111 19.04 -2.34 -5.89
N ASP A 112 20.14 -2.59 -6.60
CA ASP A 112 20.48 -3.95 -7.03
C ASP A 112 20.53 -4.90 -5.84
N GLU A 113 20.13 -6.15 -6.05
CA GLU A 113 20.17 -7.15 -5.00
C GLU A 113 21.59 -7.36 -4.50
N ALA A 114 21.74 -7.37 -3.17
CA ALA A 114 22.96 -7.80 -2.51
C ALA A 114 22.57 -8.33 -1.13
N ASN A 115 23.28 -9.35 -0.65
CA ASN A 115 22.91 -10.03 0.62
C ASN A 115 21.49 -10.60 0.63
N GLY A 116 21.02 -11.06 -0.53
CA GLY A 116 19.65 -11.60 -0.68
C GLY A 116 18.54 -10.58 -0.51
N VAL A 117 18.84 -9.29 -0.65
CA VAL A 117 17.81 -8.26 -0.47
C VAL A 117 18.04 -7.06 -1.41
N GLN A 118 16.95 -6.32 -1.63
CA GLN A 118 17.00 -5.09 -2.40
C GLN A 118 16.50 -3.93 -1.55
N LEU A 119 17.46 -3.12 -1.10
CA LEU A 119 17.21 -1.95 -0.28
C LEU A 119 16.62 -0.88 -1.16
N MSE A 120 16.01 0.14 -0.55
CA MSE A 120 15.43 1.27 -1.30
C MSE A 120 16.53 2.21 -1.75
O MSE A 120 17.45 2.44 -1.00
CB MSE A 120 14.45 2.07 -0.43
CG MSE A 120 13.37 1.21 0.24
SE MSE A 120 12.19 2.27 1.35
CE MSE A 120 11.82 3.63 0.09
N LYS A 121 16.43 2.74 -2.97
CA LYS A 121 17.38 3.79 -3.39
C LYS A 121 17.28 5.00 -2.45
N PRO A 122 18.44 5.54 -2.03
CA PRO A 122 18.41 6.66 -1.12
C PRO A 122 17.64 7.77 -1.82
N PHE A 123 16.95 8.59 -1.03
CA PHE A 123 16.16 9.67 -1.59
C PHE A 123 16.40 10.94 -0.79
N PRO A 124 17.43 11.71 -1.15
CA PRO A 124 17.82 12.94 -0.45
C PRO A 124 16.68 13.94 -0.19
N GLU A 125 15.77 14.09 -1.15
N GLU A 125 15.77 14.03 -1.15
CA GLU A 125 14.71 15.09 -1.03
CA GLU A 125 14.70 15.01 -1.15
C GLU A 125 13.38 14.54 -0.44
C GLU A 125 13.37 14.48 -0.55
N LEU A 126 13.45 13.39 0.20
CA LEU A 126 12.32 12.81 0.96
C LEU A 126 11.54 13.83 1.79
N GLY A 127 12.25 14.58 2.63
CA GLY A 127 11.63 15.55 3.51
C GLY A 127 10.90 16.62 2.75
N LYS A 128 11.37 16.96 1.55
CA LYS A 128 10.64 17.89 0.68
C LYS A 128 9.31 17.28 0.21
N LEU A 129 9.31 15.99 -0.16
CA LEU A 129 8.07 15.28 -0.53
C LEU A 129 7.10 15.20 0.65
N CYS A 130 7.63 14.96 1.84
CA CYS A 130 6.80 14.90 3.03
C CYS A 130 6.06 16.22 3.32
N GLU A 131 6.78 17.35 3.20
CA GLU A 131 6.17 18.67 3.42
C GLU A 131 5.17 18.97 2.33
N GLU A 132 5.43 18.50 1.11
CA GLU A 132 4.49 18.70 0.03
C GLU A 132 3.21 17.92 0.38
N ALA A 133 3.36 16.69 0.84
CA ALA A 133 2.25 15.83 1.17
C ALA A 133 1.43 16.44 2.30
N VAL A 134 2.09 17.00 3.31
CA VAL A 134 1.37 17.65 4.40
C VAL A 134 0.51 18.77 3.82
N GLY A 135 1.06 19.53 2.86
CA GLY A 135 0.31 20.58 2.16
C GLY A 135 -0.95 20.10 1.44
N TYR A 136 -0.97 18.82 1.07
CA TYR A 136 -2.14 18.19 0.43
C TYR A 136 -3.03 17.47 1.45
N HIS A 137 -2.63 17.54 2.72
CA HIS A 137 -3.41 16.96 3.81
C HIS A 137 -3.33 15.44 3.81
N VAL A 138 -2.29 14.92 3.14
CA VAL A 138 -1.98 13.51 3.15
C VAL A 138 -1.66 13.11 4.58
N PHE A 139 -2.12 11.92 4.99
CA PHE A 139 -2.01 11.50 6.37
C PHE A 139 -0.78 10.65 6.62
N GLY A 140 -0.33 9.91 5.60
CA GLY A 140 0.71 8.93 5.81
C GLY A 140 1.45 8.56 4.54
N THR A 141 2.47 7.73 4.70
CA THR A 141 3.26 7.35 3.55
C THR A 141 3.36 5.85 3.43
N LYS A 142 3.96 5.40 2.34
CA LYS A 142 4.27 3.99 2.10
C LYS A 142 5.59 3.86 1.37
N MSE A 143 6.37 2.85 1.75
CA MSE A 143 7.66 2.66 1.12
C MSE A 143 8.05 1.21 1.06
O MSE A 143 7.90 0.47 2.03
CB MSE A 143 8.72 3.50 1.83
CG MSE A 143 9.04 3.04 3.20
SE MSE A 143 9.60 4.52 4.32
CE MSE A 143 9.08 3.77 6.06
N ARG A 144 8.57 0.80 -0.09
CA ARG A 144 8.75 -0.61 -0.37
C ARG A 144 10.19 -1.00 -0.58
N SER A 145 10.56 -2.11 0.04
CA SER A 145 11.88 -2.67 0.09
C SER A 145 11.60 -4.19 -0.06
N VAL A 146 12.58 -4.98 -0.50
CA VAL A 146 12.33 -6.38 -0.94
C VAL A 146 13.38 -7.39 -0.41
N ILE A 147 12.88 -8.51 0.11
CA ILE A 147 13.69 -9.56 0.70
C ILE A 147 13.56 -10.80 -0.19
N LYS A 148 14.65 -11.23 -0.79
CA LYS A 148 14.64 -12.40 -1.68
C LYS A 148 15.18 -13.68 -0.99
N GLN A 149 15.83 -13.55 0.17
CA GLN A 149 16.48 -14.71 0.78
C GLN A 149 16.53 -14.55 2.29
N ALA A 150 16.70 -15.67 2.98
CA ALA A 150 16.73 -15.70 4.41
C ALA A 150 18.14 -15.36 4.85
N ASN A 151 18.56 -14.14 4.53
CA ASN A 151 19.89 -13.64 4.87
C ASN A 151 19.79 -12.70 6.06
N GLU A 152 20.47 -13.04 7.17
CA GLU A 152 20.38 -12.23 8.41
C GLU A 152 20.94 -10.81 8.29
N GLN A 153 22.14 -10.66 7.74
CA GLN A 153 22.66 -9.32 7.48
C GLN A 153 21.70 -8.51 6.60
N GLY A 154 21.31 -9.08 5.46
CA GLY A 154 20.43 -8.42 4.51
C GLY A 154 19.10 -8.00 5.13
N ILE A 155 18.47 -8.91 5.86
CA ILE A 155 17.22 -8.58 6.51
C ILE A 155 17.38 -7.55 7.66
N ARG A 156 18.46 -7.67 8.43
CA ARG A 156 18.86 -6.63 9.40
C ARG A 156 18.88 -5.27 8.74
N ASP A 157 19.41 -5.20 7.52
CA ASP A 157 19.59 -3.92 6.84
C ASP A 157 18.29 -3.38 6.34
N ILE A 158 17.48 -4.28 5.78
CA ILE A 158 16.15 -3.92 5.29
C ILE A 158 15.42 -3.18 6.37
N VAL A 159 15.40 -3.76 7.56
CA VAL A 159 14.55 -3.28 8.65
C VAL A 159 15.07 -1.96 9.18
N GLU A 160 16.40 -1.85 9.27
CA GLU A 160 17.05 -0.67 9.82
C GLU A 160 16.85 0.49 8.86
N GLN A 161 16.96 0.26 7.56
CA GLN A 161 16.67 1.35 6.61
C GLN A 161 15.19 1.74 6.69
N GLN A 162 14.31 0.74 6.76
CA GLN A 162 12.89 1.01 6.89
C GLN A 162 12.54 1.91 8.09
N PHE A 163 13.15 1.65 9.24
CA PHE A 163 12.87 2.44 10.45
C PHE A 163 13.50 3.83 10.48
N GLN A 164 14.71 3.97 9.92
N GLN A 164 14.72 3.95 9.91
N GLN A 164 14.69 4.02 9.89
CA GLN A 164 15.32 5.26 9.71
CA GLN A 164 15.38 5.22 9.63
CA GLN A 164 15.25 5.37 9.81
C GLN A 164 14.38 6.15 8.90
C GLN A 164 14.41 6.13 8.90
C GLN A 164 14.46 6.24 8.82
N TRP A 165 13.95 5.66 7.74
CA TRP A 165 13.03 6.40 6.88
C TRP A 165 11.77 6.71 7.69
N GLY A 166 11.31 5.74 8.48
CA GLY A 166 10.09 5.91 9.26
C GLY A 166 10.19 6.99 10.32
N LYS A 167 11.34 7.08 10.98
CA LYS A 167 11.48 8.07 12.05
C LYS A 167 11.50 9.46 11.42
N GLU A 168 12.09 9.53 10.22
CA GLU A 168 12.16 10.77 9.47
C GLU A 168 10.78 11.19 9.02
N ILE A 169 10.00 10.27 8.50
CA ILE A 169 8.65 10.58 8.04
C ILE A 169 7.74 11.05 9.19
N LEU A 170 7.82 10.36 10.33
CA LEU A 170 7.11 10.74 11.56
C LEU A 170 7.29 12.21 11.96
N SER A 171 8.52 12.70 11.78
CA SER A 171 8.94 14.04 12.14
C SER A 171 8.12 15.07 11.48
N HIS A 172 7.64 14.70 10.30
CA HIS A 172 6.85 15.61 9.51
C HIS A 172 5.40 15.52 9.88
N GLY A 173 5.10 14.68 10.87
CA GLY A 173 3.73 14.48 11.34
C GLY A 173 2.90 13.57 10.43
N LEU A 174 3.58 12.65 9.74
CA LEU A 174 2.94 11.69 8.82
C LEU A 174 3.17 10.30 9.41
N VAL A 175 2.18 9.42 9.26
CA VAL A 175 2.33 8.02 9.65
C VAL A 175 2.90 7.16 8.51
N PRO A 176 4.10 6.54 8.69
CA PRO A 176 4.68 5.74 7.62
C PRO A 176 4.18 4.29 7.64
N ILE A 177 3.93 3.72 6.45
CA ILE A 177 3.74 2.30 6.35
C ILE A 177 5.05 1.76 5.85
N LEU A 178 5.67 0.89 6.63
CA LEU A 178 6.91 0.23 6.23
C LEU A 178 6.53 -1.00 5.40
N GLU A 179 7.15 -1.17 4.22
CA GLU A 179 6.87 -2.37 3.40
C GLU A 179 8.11 -3.22 3.04
N PRO A 180 8.51 -4.13 3.95
CA PRO A 180 9.60 -5.05 3.71
C PRO A 180 9.03 -6.34 3.16
N GLU A 181 8.90 -6.40 1.83
CA GLU A 181 8.23 -7.52 1.19
C GLU A 181 9.21 -8.68 1.12
N VAL A 182 8.79 -9.83 1.67
CA VAL A 182 9.47 -11.10 1.38
C VAL A 182 8.82 -11.73 0.14
N ASP A 183 9.59 -11.87 -0.94
CA ASP A 183 9.07 -12.57 -2.13
C ASP A 183 8.37 -13.90 -1.82
N ILE A 184 7.22 -14.16 -2.44
CA ILE A 184 6.48 -15.38 -2.14
C ILE A 184 7.21 -16.64 -2.66
N HIS A 185 8.09 -16.44 -3.64
CA HIS A 185 8.94 -17.54 -4.10
C HIS A 185 10.29 -17.70 -3.34
N CYS A 186 10.45 -17.01 -2.21
CA CYS A 186 11.64 -17.18 -1.37
C CYS A 186 11.93 -18.65 -1.06
N PRO A 187 13.15 -19.13 -1.35
CA PRO A 187 13.50 -20.56 -1.11
C PRO A 187 13.25 -21.00 0.33
N GLU A 188 13.45 -20.07 1.26
CA GLU A 188 13.18 -20.31 2.66
C GLU A 188 12.34 -19.19 3.30
N LYS A 189 11.07 -19.13 2.90
CA LYS A 189 10.16 -18.05 3.26
C LYS A 189 9.90 -17.93 4.75
N ALA A 190 9.55 -19.05 5.40
CA ALA A 190 9.29 -19.09 6.83
C ALA A 190 10.51 -18.62 7.59
N LYS A 191 11.68 -19.10 7.21
CA LYS A 191 12.93 -18.71 7.83
C LYS A 191 13.19 -17.19 7.67
N ALA A 192 13.14 -16.68 6.44
CA ALA A 192 13.21 -15.23 6.23
C ALA A 192 12.17 -14.46 7.07
N GLU A 193 10.96 -14.99 7.21
CA GLU A 193 9.93 -14.26 7.95
C GLU A 193 10.21 -14.29 9.45
N GLU A 194 10.88 -15.35 9.88
CA GLU A 194 11.43 -15.51 11.24
C GLU A 194 12.46 -14.41 11.57
N ILE A 195 13.42 -14.21 10.69
CA ILE A 195 14.40 -13.15 10.87
C ILE A 195 13.71 -11.78 10.84
N LEU A 196 12.87 -11.59 9.84
CA LEU A 196 12.16 -10.34 9.67
C LEU A 196 11.43 -10.01 10.95
N LYS A 197 10.60 -10.93 11.44
CA LYS A 197 9.82 -10.66 12.65
C LYS A 197 10.69 -10.21 13.83
N ARG A 198 11.76 -10.96 14.07
N ARG A 198 11.76 -10.96 14.10
CA ARG A 198 12.77 -10.71 15.11
CA ARG A 198 12.73 -10.62 15.15
C ARG A 198 13.42 -9.31 15.01
C ARG A 198 13.26 -9.21 14.99
N GLU A 199 13.77 -8.88 13.81
CA GLU A 199 14.33 -7.56 13.60
C GLU A 199 13.27 -6.50 13.84
N LEU A 200 12.06 -6.79 13.36
CA LEU A 200 10.96 -5.85 13.44
C LEU A 200 10.59 -5.50 14.87
N LEU A 201 10.43 -6.51 15.71
CA LEU A 201 10.13 -6.34 17.13
C LEU A 201 11.21 -5.56 17.88
N ALA A 202 12.49 -5.85 17.59
CA ALA A 202 13.61 -5.18 18.26
C ALA A 202 13.61 -3.70 17.94
N GLN A 203 13.24 -3.35 16.70
CA GLN A 203 13.09 -1.96 16.37
C GLN A 203 11.87 -1.35 17.08
N LEU A 204 10.75 -2.07 17.11
CA LEU A 204 9.53 -1.54 17.72
C LEU A 204 9.67 -1.29 19.23
N ASP A 205 10.42 -2.15 19.89
CA ASP A 205 10.76 -1.95 21.28
C ASP A 205 11.48 -0.61 21.58
N LYS A 206 12.22 -0.10 20.60
CA LYS A 206 12.90 1.17 20.76
C LYS A 206 12.09 2.37 20.28
N MSE A 207 10.93 2.15 19.66
CA MSE A 207 10.09 3.25 19.16
C MSE A 207 9.25 3.94 20.24
O MSE A 207 8.82 3.34 21.23
CB MSE A 207 9.17 2.80 18.03
CG MSE A 207 9.88 2.39 16.76
SE MSE A 207 10.73 3.83 15.80
CE MSE A 207 9.15 4.72 15.10
N THR A 208 9.00 5.22 20.03
CA THR A 208 8.28 6.05 20.95
C THR A 208 6.98 6.51 20.27
N GLU A 209 6.84 6.21 18.97
CA GLU A 209 5.62 6.50 18.23
C GLU A 209 5.26 5.34 17.32
N PRO A 210 3.97 5.05 17.17
CA PRO A 210 3.51 3.91 16.35
C PRO A 210 3.75 4.08 14.85
N VAL A 211 3.85 2.96 14.14
CA VAL A 211 3.97 2.98 12.71
C VAL A 211 3.02 1.92 12.22
N MSE A 212 2.92 1.75 10.89
CA MSE A 212 2.19 0.62 10.31
C MSE A 212 3.15 -0.24 9.51
O MSE A 212 4.25 0.20 9.15
CB MSE A 212 1.05 1.11 9.40
CG MSE A 212 -0.02 1.92 10.09
SE MSE A 212 -1.27 2.79 8.86
CE MSE A 212 -1.60 1.32 7.66
N LEU A 213 2.70 -1.45 9.18
CA LEU A 213 3.52 -2.44 8.54
C LEU A 213 2.74 -3.02 7.37
N LYS A 214 3.42 -3.21 6.24
CA LYS A 214 2.80 -3.88 5.09
C LYS A 214 3.68 -5.07 4.79
N ILE A 215 3.14 -6.27 4.95
CA ILE A 215 3.96 -7.47 4.75
C ILE A 215 3.35 -8.51 3.81
N THR A 216 4.17 -9.39 3.25
CA THR A 216 3.64 -10.57 2.56
C THR A 216 2.85 -11.41 3.56
N ILE A 217 1.72 -11.98 3.18
CA ILE A 217 1.02 -12.95 4.04
C ILE A 217 1.99 -14.11 4.38
N PRO A 218 2.23 -14.37 5.69
CA PRO A 218 3.25 -15.34 6.12
C PRO A 218 2.95 -16.78 5.73
N THR A 219 4.00 -17.58 5.67
CA THR A 219 3.88 -19.02 5.45
C THR A 219 3.22 -19.63 6.68
N VAL A 220 3.64 -19.24 7.87
CA VAL A 220 3.00 -19.76 9.09
C VAL A 220 1.80 -18.88 9.46
N ASP A 221 0.59 -19.44 9.40
CA ASP A 221 -0.63 -18.69 9.74
C ASP A 221 -0.47 -18.00 11.09
N ASN A 222 -0.87 -16.73 11.18
CA ASN A 222 -0.85 -15.97 12.44
C ASN A 222 0.56 -15.65 12.99
N PHE A 223 1.58 -15.73 12.12
CA PHE A 223 2.98 -15.60 12.58
C PHE A 223 3.25 -14.22 13.17
N TYR A 224 2.49 -13.23 12.70
CA TYR A 224 2.74 -11.83 13.04
C TYR A 224 1.97 -11.29 14.27
N LYS A 225 1.44 -12.21 15.07
CA LYS A 225 0.58 -11.87 16.20
C LYS A 225 1.28 -10.88 17.13
N GLU A 226 2.48 -11.23 17.55
CA GLU A 226 3.28 -10.42 18.46
C GLU A 226 3.53 -9.03 17.90
N ILE A 227 3.67 -8.93 16.58
CA ILE A 227 3.72 -7.63 15.91
C ILE A 227 2.41 -6.87 15.99
N ILE A 228 1.29 -7.50 15.60
CA ILE A 228 -0.02 -6.85 15.60
C ILE A 228 -0.30 -6.30 16.99
N GLU A 229 0.09 -7.08 18.00
CA GLU A 229 -0.14 -6.75 19.39
C GLU A 229 0.84 -5.73 19.98
N HIS A 230 1.93 -5.43 19.29
CA HIS A 230 2.93 -4.51 19.85
C HIS A 230 2.36 -3.10 19.94
N PRO A 231 2.51 -2.43 21.11
CA PRO A 231 1.78 -1.15 21.24
C PRO A 231 2.24 -0.08 20.27
N MSE A 232 3.44 -0.24 19.71
CA MSE A 232 3.95 0.70 18.69
C MSE A 232 3.60 0.30 17.24
O MSE A 232 4.15 0.86 16.30
CB MSE A 232 5.45 0.87 18.83
CG MSE A 232 5.88 1.45 20.17
SE MSE A 232 5.31 3.31 20.39
CE MSE A 232 3.54 3.13 21.13
N MSE A 233 2.69 -0.66 17.08
CA MSE A 233 2.19 -1.05 15.76
C MSE A 233 0.75 -0.57 15.62
O MSE A 233 -0.15 -1.09 16.30
CB MSE A 233 2.24 -2.57 15.58
CG MSE A 233 1.66 -3.07 14.26
SE MSE A 233 2.51 -2.23 12.68
CE MSE A 233 4.40 -2.48 13.13
N LEU A 234 0.53 0.42 14.76
CA LEU A 234 -0.82 0.94 14.56
C LEU A 234 -1.75 -0.09 13.93
N ARG A 235 -1.27 -0.71 12.84
CA ARG A 235 -2.08 -1.60 12.01
C ARG A 235 -1.18 -2.38 11.08
N VAL A 236 -1.51 -3.65 10.87
CA VAL A 236 -0.74 -4.45 9.93
C VAL A 236 -1.57 -4.66 8.69
N VAL A 237 -1.00 -4.35 7.53
CA VAL A 237 -1.69 -4.57 6.24
C VAL A 237 -0.89 -5.58 5.41
N ALA A 238 -1.53 -6.16 4.39
CA ALA A 238 -0.84 -7.23 3.68
C ALA A 238 -0.89 -7.08 2.18
N LEU A 239 0.29 -7.14 1.58
CA LEU A 239 0.44 -7.19 0.11
C LEU A 239 -0.05 -8.55 -0.43
N SER A 240 -0.55 -8.58 -1.68
CA SER A 240 -0.82 -9.88 -2.32
C SER A 240 0.49 -10.54 -2.82
N GLY A 241 1.33 -9.79 -3.52
CA GLY A 241 2.67 -10.23 -3.89
C GLY A 241 2.75 -11.35 -4.92
N GLY A 242 1.71 -11.53 -5.73
CA GLY A 242 1.73 -12.60 -6.72
C GLY A 242 0.61 -13.61 -6.56
N TYR A 243 -0.08 -13.61 -5.43
CA TYR A 243 -1.23 -14.48 -5.27
C TYR A 243 -2.42 -13.93 -6.00
N SER A 244 -3.30 -14.78 -6.51
CA SER A 244 -4.56 -14.30 -7.09
C SER A 244 -5.43 -13.67 -5.98
N ARG A 245 -6.46 -12.91 -6.35
CA ARG A 245 -7.33 -12.32 -5.33
C ARG A 245 -7.95 -13.37 -4.40
N GLU A 246 -8.37 -14.49 -4.99
N GLU A 246 -8.36 -14.50 -4.97
CA GLU A 246 -8.97 -15.60 -4.25
CA GLU A 246 -8.98 -15.57 -4.20
C GLU A 246 -8.00 -16.28 -3.29
C GLU A 246 -7.99 -16.29 -3.28
N GLN A 247 -6.75 -16.44 -3.72
CA GLN A 247 -5.71 -17.01 -2.88
C GLN A 247 -5.28 -16.03 -1.76
N ALA A 248 -5.05 -14.75 -2.09
CA ALA A 248 -4.64 -13.80 -1.07
C ALA A 248 -5.72 -13.72 0.01
N ASN A 249 -6.98 -13.61 -0.41
CA ASN A 249 -8.12 -13.54 0.53
C ASN A 249 -8.19 -14.76 1.47
N GLU A 250 -8.04 -15.95 0.88
CA GLU A 250 -8.08 -17.22 1.61
C GLU A 250 -7.00 -17.28 2.67
N LEU A 251 -5.76 -16.97 2.29
CA LEU A 251 -4.70 -16.93 3.26
C LEU A 251 -4.88 -15.79 4.24
N LEU A 252 -5.30 -14.63 3.76
CA LEU A 252 -5.56 -13.47 4.62
C LEU A 252 -6.57 -13.79 5.73
N SER A 253 -7.66 -14.50 5.39
CA SER A 253 -8.66 -14.98 6.39
C SER A 253 -8.07 -15.76 7.59
N ARG A 254 -6.90 -16.35 7.38
CA ARG A 254 -6.27 -17.17 8.40
C ARG A 254 -5.31 -16.37 9.27
N ASN A 255 -5.10 -15.10 8.93
CA ASN A 255 -4.27 -14.22 9.75
C ASN A 255 -5.10 -13.18 10.50
N HIS A 256 -5.35 -13.50 11.76
CA HIS A 256 -6.25 -12.69 12.57
C HIS A 256 -5.71 -11.26 12.69
N GLY A 257 -6.59 -10.27 12.53
CA GLY A 257 -6.23 -8.85 12.70
C GLY A 257 -5.41 -8.18 11.59
N VAL A 258 -5.01 -8.92 10.56
CA VAL A 258 -4.29 -8.38 9.40
C VAL A 258 -5.27 -8.04 8.29
N ILE A 259 -5.20 -6.81 7.77
CA ILE A 259 -6.12 -6.32 6.74
C ILE A 259 -5.48 -6.25 5.36
N ALA A 260 -6.25 -6.17 4.29
CA ALA A 260 -5.60 -6.18 2.99
C ALA A 260 -5.02 -4.83 2.61
N SER A 261 -4.06 -4.86 1.70
CA SER A 261 -3.59 -3.65 1.01
C SER A 261 -3.21 -4.08 -0.40
N PHE A 262 -4.21 -4.19 -1.27
CA PHE A 262 -3.98 -4.82 -2.60
C PHE A 262 -4.00 -3.81 -3.70
N SER A 263 -3.20 -4.07 -4.73
CA SER A 263 -3.22 -3.23 -5.89
C SER A 263 -3.89 -3.98 -7.04
N ARG A 264 -3.12 -4.59 -7.92
N ARG A 264 -3.10 -4.58 -7.91
CA ARG A 264 -3.68 -5.27 -9.07
CA ARG A 264 -3.58 -5.39 -9.04
C ARG A 264 -4.71 -6.37 -8.74
C ARG A 264 -4.76 -6.27 -8.65
N ALA A 265 -4.59 -7.00 -7.56
CA ALA A 265 -5.55 -8.05 -7.15
C ALA A 265 -6.96 -7.54 -6.87
N LEU A 266 -7.06 -6.32 -6.34
CA LEU A 266 -8.33 -5.67 -6.04
C LEU A 266 -9.12 -5.44 -7.28
N VAL A 267 -8.42 -5.46 -8.41
CA VAL A 267 -8.87 -4.80 -9.60
C VAL A 267 -8.92 -5.77 -10.77
N GLU A 268 -8.45 -7.00 -10.54
CA GLU A 268 -8.55 -8.07 -11.55
C GLU A 268 -10.01 -8.27 -11.98
N GLY A 269 -10.25 -8.40 -13.29
CA GLY A 269 -11.63 -8.41 -13.80
C GLY A 269 -12.11 -7.08 -14.38
N LEU A 270 -11.63 -5.96 -13.84
CA LEU A 270 -12.05 -4.64 -14.29
C LEU A 270 -11.40 -4.29 -15.62
N SER A 271 -12.13 -3.65 -16.52
CA SER A 271 -11.54 -3.23 -17.82
C SER A 271 -12.09 -1.90 -18.35
N ALA A 272 -11.33 -1.32 -19.27
CA ALA A 272 -11.68 -0.05 -19.87
C ALA A 272 -13.06 -0.03 -20.54
N ARG A 273 -13.31 -1.02 -21.38
CA ARG A 273 -14.47 -1.08 -22.27
C ARG A 273 -15.59 -2.03 -21.80
N GLN A 274 -15.73 -2.13 -20.48
CA GLN A 274 -16.86 -2.82 -19.90
C GLN A 274 -17.84 -1.72 -19.47
N THR A 275 -19.11 -2.04 -19.40
CA THR A 275 -20.11 -1.06 -18.97
C THR A 275 -19.84 -0.59 -17.55
N ASP A 276 -20.22 0.66 -17.30
CA ASP A 276 -20.14 1.25 -15.97
C ASP A 276 -20.82 0.35 -14.93
N ALA A 277 -21.96 -0.22 -15.31
CA ALA A 277 -22.75 -1.10 -14.44
C ALA A 277 -21.99 -2.34 -13.98
N GLU A 278 -21.30 -2.99 -14.91
CA GLU A 278 -20.54 -4.19 -14.56
C GLU A 278 -19.32 -3.81 -13.73
N PHE A 279 -18.68 -2.70 -14.13
CA PHE A 279 -17.49 -2.21 -13.44
C PHE A 279 -17.77 -2.00 -11.94
N ASN A 280 -18.91 -1.39 -11.61
N ASN A 280 -18.89 -1.36 -11.58
CA ASN A 280 -19.28 -1.11 -10.23
CA ASN A 280 -19.27 -1.14 -10.18
C ASN A 280 -19.64 -2.38 -9.47
C ASN A 280 -19.52 -2.46 -9.51
N ALA A 281 -20.33 -3.29 -10.16
CA ALA A 281 -20.78 -4.55 -9.56
C ALA A 281 -19.59 -5.43 -9.17
N MSE A 282 -18.72 -5.64 -10.15
CA MSE A 282 -17.49 -6.44 -9.94
C MSE A 282 -16.56 -5.76 -8.92
O MSE A 282 -16.00 -6.43 -8.01
CB MSE A 282 -16.77 -6.71 -11.25
CG MSE A 282 -17.60 -7.58 -12.23
SE MSE A 282 -16.64 -7.94 -13.89
CE MSE A 282 -15.38 -9.24 -13.18
N LEU A 283 -16.45 -4.44 -9.03
CA LEU A 283 -15.66 -3.70 -8.03
C LEU A 283 -16.26 -3.86 -6.64
N GLU A 284 -17.59 -3.78 -6.54
N GLU A 284 -17.58 -3.78 -6.51
CA GLU A 284 -18.28 -3.91 -5.26
CA GLU A 284 -18.19 -3.92 -5.20
C GLU A 284 -18.06 -5.30 -4.67
C GLU A 284 -17.89 -5.32 -4.67
N ALA A 285 -18.05 -6.33 -5.54
CA ALA A 285 -17.91 -7.72 -5.10
C ALA A 285 -16.52 -8.07 -4.60
N SER A 286 -15.51 -7.54 -5.30
CA SER A 286 -14.10 -7.78 -5.03
C SER A 286 -13.77 -7.17 -3.69
N ILE A 287 -14.27 -5.94 -3.50
CA ILE A 287 -14.15 -5.22 -2.27
C ILE A 287 -14.83 -6.00 -1.16
N GLU A 288 -16.06 -6.45 -1.35
CA GLU A 288 -16.75 -7.22 -0.32
C GLU A 288 -15.91 -8.44 0.07
N ASP A 289 -15.39 -9.16 -0.92
CA ASP A 289 -14.54 -10.31 -0.69
C ASP A 289 -13.30 -9.99 0.13
N VAL A 290 -12.60 -8.92 -0.26
CA VAL A 290 -11.35 -8.54 0.38
C VAL A 290 -11.67 -8.06 1.80
N TYR A 291 -12.86 -7.47 1.96
CA TYR A 291 -13.26 -6.95 3.25
C TYR A 291 -13.48 -8.07 4.26
N GLN A 292 -14.28 -9.05 3.85
CA GLN A 292 -14.62 -10.22 4.66
C GLN A 292 -13.34 -10.96 5.06
N ALA A 293 -12.41 -11.11 4.14
CA ALA A 293 -11.11 -11.68 4.48
C ALA A 293 -10.29 -10.79 5.45
N SER A 294 -10.26 -9.47 5.19
CA SER A 294 -9.56 -8.52 6.06
C SER A 294 -10.08 -8.52 7.51
N ILE A 295 -11.40 -8.64 7.71
CA ILE A 295 -11.96 -8.52 9.08
C ILE A 295 -11.82 -9.74 9.99
N LYS A 296 -11.42 -10.90 9.47
CA LYS A 296 -11.26 -12.10 10.32
C LYS A 296 -10.11 -11.95 11.33
#